data_2NYX
#
_entry.id   2NYX
#
_cell.length_a   51.262
_cell.length_b   54.747
_cell.length_c   227.505
_cell.angle_alpha   90.000
_cell.angle_beta   90.000
_cell.angle_gamma   90.000
#
_symmetry.space_group_name_H-M   'P 21 21 21'
#
loop_
_entity.id
_entity.type
_entity.pdbx_description
1 polymer 'Probable transcriptional regulatory protein, Rv1404'
2 water water
#
_entity_poly.entity_id   1
_entity_poly.type   'polypeptide(L)'
_entity_poly.pdbx_seq_one_letter_code
;(MSE)(MSE)PTEYPATAEESVDVITDALLTASRLLVAISAHSIAQVDENITIPQFRTLVILSNHGPINLATLATLLGVQ
PSATGR(MSE)VDRLVGAELIDRLPHPTSRRELLAALTKRGRDVVRQVTEHRRTEIARIVEQ(MSE)APAERHGLVRALT
AFTEAGGEPDARYEIERSHHHHHH
;
_entity_poly.pdbx_strand_id   A,B,C,D
#
# COMPACT_ATOMS: atom_id res chain seq x y z
N PRO A 7 -17.26 23.89 -8.00
CA PRO A 7 -18.42 23.00 -8.01
C PRO A 7 -18.05 21.55 -7.65
N ALA A 8 -18.86 20.89 -6.82
CA ALA A 8 -20.06 21.46 -6.21
C ALA A 8 -20.23 21.22 -4.70
N THR A 9 -19.92 20.04 -4.14
CA THR A 9 -19.28 18.90 -4.81
C THR A 9 -20.28 17.92 -5.46
N ALA A 10 -21.02 17.06 -4.74
CA ALA A 10 -21.04 16.74 -3.30
C ALA A 10 -22.31 15.90 -3.14
N GLU A 11 -22.83 15.64 -1.93
CA GLU A 11 -22.22 15.88 -0.63
C GLU A 11 -21.08 14.93 -0.38
N GLU A 12 -20.23 15.28 0.58
CA GLU A 12 -19.11 14.42 0.95
C GLU A 12 -19.45 13.69 2.24
N SER A 13 -19.29 12.36 2.21
CA SER A 13 -19.52 11.51 3.36
C SER A 13 -18.43 11.70 4.40
N VAL A 14 -18.81 11.48 5.66
CA VAL A 14 -17.89 11.51 6.78
C VAL A 14 -16.60 10.75 6.44
N ASP A 15 -16.75 9.54 5.92
CA ASP A 15 -15.64 8.64 5.66
C ASP A 15 -14.56 9.23 4.77
N VAL A 16 -14.95 9.78 3.61
CA VAL A 16 -14.01 10.41 2.68
C VAL A 16 -13.38 11.71 3.21
N ILE A 17 -14.14 12.45 4.03
CA ILE A 17 -13.61 13.65 4.69
C ILE A 17 -12.57 13.26 5.73
N THR A 18 -12.87 12.24 6.52
CA THR A 18 -11.98 11.71 7.55
C THR A 18 -10.68 11.16 6.94
N ASP A 19 -10.79 10.33 5.90
CA ASP A 19 -9.62 9.78 5.24
C ASP A 19 -8.69 10.89 4.72
N ALA A 20 -9.28 11.93 4.12
CA ALA A 20 -8.49 13.04 3.59
C ALA A 20 -7.79 13.84 4.70
N LEU A 21 -8.50 14.00 5.82
CA LEU A 21 -7.95 14.64 7.02
C LEU A 21 -6.87 13.80 7.68
N LEU A 22 -7.03 12.49 7.65
CA LEU A 22 -6.03 11.57 8.17
C LEU A 22 -4.69 11.69 7.43
N THR A 23 -4.71 11.68 6.10
CA THR A 23 -3.50 11.86 5.34
C THR A 23 -2.91 13.25 5.58
N ALA A 24 -3.77 14.28 5.62
CA ALA A 24 -3.32 15.64 5.95
C ALA A 24 -2.64 15.70 7.31
N SER A 25 -3.15 14.93 8.28
CA SER A 25 -2.56 14.91 9.62
C SER A 25 -1.15 14.31 9.65
N ARG A 26 -0.92 13.32 8.77
CA ARG A 26 0.41 12.74 8.58
C ARG A 26 1.39 13.74 7.98
N LEU A 27 0.91 14.58 7.07
CA LEU A 27 1.78 15.58 6.47
C LEU A 27 2.13 16.67 7.49
N LEU A 28 1.22 16.99 8.39
CA LEU A 28 1.51 17.99 9.41
C LEU A 28 2.48 17.46 10.47
N VAL A 29 2.32 16.19 10.81
CA VAL A 29 3.30 15.51 11.66
C VAL A 29 4.69 15.48 11.03
N ALA A 30 4.76 15.16 9.74
CA ALA A 30 6.00 15.22 8.99
C ALA A 30 6.66 16.59 9.10
N ILE A 31 5.85 17.64 8.99
CA ILE A 31 6.34 19.02 9.07
C ILE A 31 6.87 19.30 10.49
N SER A 32 6.10 18.87 11.50
CA SER A 32 6.51 19.05 12.88
C SER A 32 7.76 18.26 13.24
N ALA A 33 7.84 17.01 12.78
CA ALA A 33 8.98 16.15 13.04
C ALA A 33 10.28 16.77 12.50
N HIS A 34 10.23 17.20 11.25
CA HIS A 34 11.30 17.98 10.64
C HIS A 34 11.70 19.20 11.51
N SER A 35 10.71 19.95 11.98
CA SER A 35 10.96 21.18 12.73
C SER A 35 11.52 20.92 14.12
N ILE A 36 10.90 20.01 14.86
CA ILE A 36 11.31 19.73 16.22
C ILE A 36 12.74 19.14 16.26
N ALA A 37 12.99 18.13 15.43
CA ALA A 37 14.27 17.43 15.38
C ALA A 37 15.44 18.32 15.00
N GLN A 38 15.20 19.26 14.10
CA GLN A 38 16.21 20.22 13.67
C GLN A 38 16.70 21.09 14.83
N VAL A 39 15.79 21.38 15.76
CA VAL A 39 16.07 22.25 16.90
C VAL A 39 16.47 21.44 18.14
N ASP A 40 15.74 20.35 18.42
CA ASP A 40 16.02 19.49 19.58
C ASP A 40 15.59 18.04 19.32
N GLU A 41 16.57 17.18 19.09
CA GLU A 41 16.29 15.81 18.66
C GLU A 41 15.73 14.92 19.78
N ASN A 42 15.81 15.41 21.01
CA ASN A 42 15.41 14.63 22.18
C ASN A 42 14.07 15.02 22.79
N ILE A 43 13.70 16.28 22.67
CA ILE A 43 12.52 16.80 23.36
C ILE A 43 11.28 15.94 23.04
N THR A 44 10.47 15.67 24.07
CA THR A 44 9.29 14.81 23.92
C THR A 44 8.03 15.60 23.57
N ILE A 45 6.92 14.89 23.41
CA ILE A 45 5.63 15.51 23.13
C ILE A 45 5.15 16.38 24.32
N PRO A 46 5.05 15.80 25.54
CA PRO A 46 4.60 16.63 26.67
C PRO A 46 5.56 17.75 27.04
N GLN A 47 6.85 17.56 26.81
CA GLN A 47 7.83 18.63 27.03
C GLN A 47 7.62 19.82 26.08
N PHE A 48 7.57 19.54 24.78
CA PHE A 48 7.37 20.62 23.81
C PHE A 48 6.04 21.32 24.04
N ARG A 49 5.00 20.56 24.36
CA ARG A 49 3.68 21.12 24.65
C ARG A 49 3.75 22.09 25.82
N THR A 50 4.49 21.72 26.87
CA THR A 50 4.74 22.62 27.98
C THR A 50 5.36 23.94 27.46
N LEU A 51 6.43 23.83 26.69
CA LEU A 51 7.13 24.99 26.12
C LEU A 51 6.20 25.91 25.34
N VAL A 52 5.33 25.34 24.50
CA VAL A 52 4.38 26.11 23.72
C VAL A 52 3.34 26.81 24.60
N ILE A 53 2.82 26.07 25.58
CA ILE A 53 1.87 26.61 26.54
C ILE A 53 2.42 27.89 27.19
N LEU A 54 3.65 27.83 27.67
CA LEU A 54 4.29 28.97 28.33
C LEU A 54 4.55 30.12 27.36
N SER A 55 4.93 29.80 26.13
CA SER A 55 5.03 30.82 25.12
C SER A 55 3.69 31.51 24.90
N ASN A 56 2.62 30.71 24.84
CA ASN A 56 1.30 31.24 24.56
C ASN A 56 0.67 31.99 25.70
N HIS A 57 0.92 31.56 26.94
CA HIS A 57 0.27 32.19 28.10
C HIS A 57 1.18 32.99 29.01
N GLY A 58 2.49 32.81 28.89
CA GLY A 58 3.44 33.47 29.77
C GLY A 58 3.50 32.81 31.13
N PRO A 59 4.14 33.47 32.12
CA PRO A 59 4.36 32.84 33.41
C PRO A 59 3.04 32.41 34.07
N ILE A 60 2.96 31.15 34.47
CA ILE A 60 1.76 30.59 35.11
C ILE A 60 2.18 29.53 36.14
N ASN A 61 1.36 29.34 37.18
CA ASN A 61 1.68 28.34 38.19
C ASN A 61 1.53 26.92 37.68
N LEU A 62 2.12 25.97 38.41
CA LEU A 62 2.17 24.58 38.00
C LEU A 62 0.78 23.96 37.92
N ALA A 63 -0.10 24.39 38.83
CA ALA A 63 -1.50 23.99 38.82
C ALA A 63 -2.11 24.28 37.44
N THR A 64 -1.93 25.51 36.96
CA THR A 64 -2.49 25.96 35.69
C THR A 64 -1.88 25.23 34.50
N LEU A 65 -0.54 25.18 34.46
CA LEU A 65 0.20 24.37 33.50
C LEU A 65 -0.37 22.96 33.39
N ALA A 66 -0.49 22.28 34.54
CA ALA A 66 -1.01 20.92 34.60
C ALA A 66 -2.39 20.82 33.93
N THR A 67 -3.26 21.78 34.24
CA THR A 67 -4.63 21.80 33.69
C THR A 67 -4.62 21.88 32.16
N LEU A 68 -3.85 22.83 31.63
CA LEU A 68 -3.66 22.98 30.19
C LEU A 68 -3.00 21.77 29.54
N LEU A 69 -2.08 21.13 30.26
CA LEU A 69 -1.39 19.94 29.74
C LEU A 69 -2.31 18.71 29.69
N GLY A 70 -3.27 18.65 30.61
CA GLY A 70 -4.15 17.50 30.73
C GLY A 70 -3.44 16.40 31.48
N VAL A 71 -2.53 16.82 32.37
CA VAL A 71 -1.67 15.93 33.12
C VAL A 71 -1.94 16.12 34.61
N GLN A 72 -1.60 15.11 35.41
CA GLN A 72 -1.62 15.21 36.86
C GLN A 72 -0.52 16.18 37.31
N PRO A 73 -0.80 16.99 38.35
CA PRO A 73 0.19 17.97 38.84
C PRO A 73 1.54 17.33 39.25
N SER A 74 1.50 16.09 39.71
CA SER A 74 2.69 15.38 40.20
C SER A 74 3.72 15.12 39.10
N ALA A 75 3.27 14.57 37.97
CA ALA A 75 4.14 14.29 36.82
C ALA A 75 4.63 15.57 36.11
N THR A 76 3.91 16.67 36.30
CA THR A 76 4.26 17.95 35.74
C THR A 76 5.47 18.57 36.42
N GLY A 77 5.52 18.44 37.75
CA GLY A 77 6.66 18.91 38.54
C GLY A 77 7.99 18.27 38.15
N ARG A 78 7.97 16.95 37.95
CA ARG A 78 9.14 16.19 37.53
C ARG A 78 9.66 16.67 36.19
N VAL A 80 8.89 19.58 34.55
CA VAL A 80 9.31 20.98 34.64
C VAL A 80 10.76 21.01 35.12
N ASP A 81 11.07 20.19 36.12
CA ASP A 81 12.40 20.09 36.68
C ASP A 81 13.45 19.67 35.65
N ARG A 82 13.09 18.72 34.78
CA ARG A 82 13.97 18.31 33.68
C ARG A 82 14.29 19.49 32.79
N LEU A 83 13.24 20.22 32.40
CA LEU A 83 13.37 21.40 31.53
C LEU A 83 14.07 22.57 32.23
N VAL A 84 14.02 22.60 33.55
CA VAL A 84 14.81 23.54 34.33
C VAL A 84 16.29 23.19 34.19
N GLY A 85 16.59 21.90 34.29
CA GLY A 85 17.94 21.38 34.12
C GLY A 85 18.50 21.55 32.72
N ALA A 86 17.62 21.46 31.72
CA ALA A 86 17.97 21.77 30.33
C ALA A 86 17.98 23.28 30.11
N GLU A 87 17.72 24.04 31.16
CA GLU A 87 17.77 25.51 31.12
C GLU A 87 16.80 26.09 30.10
N LEU A 88 15.62 25.47 29.97
CA LEU A 88 14.62 25.96 29.05
C LEU A 88 13.50 26.71 29.80
N ILE A 89 13.37 26.41 31.09
CA ILE A 89 12.38 27.00 31.97
C ILE A 89 13.02 27.54 33.25
N ASP A 90 12.52 28.67 33.72
CA ASP A 90 12.86 29.21 35.03
C ASP A 90 11.66 29.05 35.95
N ARG A 91 11.92 29.00 37.25
CA ARG A 91 10.85 29.06 38.22
C ARG A 91 10.93 30.39 38.97
N LEU A 92 9.79 31.03 39.20
CA LEU A 92 9.74 32.38 39.80
C LEU A 92 8.77 32.43 40.99
N PRO A 93 9.04 33.29 41.99
CA PRO A 93 8.08 33.43 43.09
C PRO A 93 6.79 34.14 42.65
N HIS A 94 5.67 33.80 43.28
CA HIS A 94 4.37 34.41 43.02
C HIS A 94 4.38 35.84 43.56
N PRO A 95 3.60 36.76 42.93
CA PRO A 95 3.47 38.14 43.40
C PRO A 95 2.26 38.53 44.32
N THR A 96 2.27 38.20 45.62
CA THR A 96 3.18 37.26 46.26
C THR A 96 2.35 36.31 47.12
N SER A 97 2.29 35.05 46.69
CA SER A 97 1.70 33.99 47.51
C SER A 97 2.81 33.27 48.28
N ARG A 98 2.52 32.09 48.83
CA ARG A 98 3.46 31.47 49.78
C ARG A 98 4.78 30.88 49.22
N ARG A 99 4.82 29.90 48.28
CA ARG A 99 3.75 29.01 47.77
C ARG A 99 2.57 29.64 47.02
N GLU A 100 2.53 29.64 45.68
CA GLU A 100 3.52 29.12 44.71
C GLU A 100 4.54 30.23 44.43
N LEU A 101 5.31 30.29 43.32
CA LEU A 101 5.75 29.29 42.28
C LEU A 101 5.13 29.24 40.87
N LEU A 102 5.83 29.91 39.96
CA LEU A 102 5.42 30.09 38.57
C LEU A 102 6.52 29.61 37.64
N ALA A 103 6.12 29.06 36.49
CA ALA A 103 7.06 28.63 35.45
C ALA A 103 7.02 29.57 34.26
N ALA A 104 8.20 29.87 33.72
CA ALA A 104 8.36 30.74 32.57
C ALA A 104 9.53 30.30 31.69
N LEU A 105 9.49 30.63 30.41
CA LEU A 105 10.60 30.31 29.51
C LEU A 105 11.85 31.15 29.76
N THR A 106 13.01 30.48 29.66
CA THR A 106 14.31 31.10 29.50
C THR A 106 14.38 31.74 28.10
N LYS A 107 15.42 32.53 27.85
CA LYS A 107 15.70 32.99 26.50
C LYS A 107 15.82 31.79 25.56
N ARG A 108 16.46 30.74 26.07
CA ARG A 108 16.61 29.46 25.37
C ARG A 108 15.27 28.83 25.07
N GLY A 109 14.43 28.66 26.09
CA GLY A 109 13.08 28.16 25.88
C GLY A 109 12.37 28.93 24.78
N ARG A 110 12.50 30.25 24.78
CA ARG A 110 11.88 31.08 23.77
C ARG A 110 12.44 30.82 22.37
N ASP A 111 13.77 30.69 22.28
CA ASP A 111 14.43 30.39 21.02
C ASP A 111 13.97 29.04 20.44
N VAL A 112 13.84 28.05 21.30
CA VAL A 112 13.32 26.74 20.89
C VAL A 112 11.96 26.88 20.20
N VAL A 113 10.99 27.51 20.86
CA VAL A 113 9.63 27.63 20.32
C VAL A 113 9.60 28.40 18.99
N ARG A 114 10.33 29.52 18.93
CA ARG A 114 10.35 30.36 17.73
C ARG A 114 11.09 29.73 16.55
N GLN A 115 12.17 28.99 16.83
CA GLN A 115 12.90 28.27 15.79
C GLN A 115 12.07 27.16 15.17
N VAL A 116 11.31 26.46 16.01
CA VAL A 116 10.43 25.37 15.55
C VAL A 116 9.30 25.91 14.68
N THR A 117 8.72 27.05 15.10
CA THR A 117 7.69 27.75 14.33
C THR A 117 8.25 28.20 12.97
N GLU A 118 9.43 28.79 12.97
CA GLU A 118 10.05 29.28 11.74
C GLU A 118 10.37 28.17 10.73
N HIS A 119 10.79 27.01 11.23
CA HIS A 119 10.93 25.81 10.42
C HIS A 119 9.59 25.35 9.86
N ARG A 120 8.57 25.24 10.72
CA ARG A 120 7.23 24.84 10.32
C ARG A 120 6.70 25.75 9.21
N ARG A 121 6.77 27.06 9.42
CA ARG A 121 6.23 27.97 8.41
C ARG A 121 7.02 27.99 7.08
N THR A 122 8.32 27.71 7.12
CA THR A 122 9.13 27.63 5.90
C THR A 122 8.75 26.39 5.09
N GLU A 123 8.52 25.29 5.79
CA GLU A 123 8.15 24.03 5.19
C GLU A 123 6.74 24.10 4.65
N ILE A 124 5.82 24.67 5.42
CA ILE A 124 4.46 24.89 4.98
C ILE A 124 4.42 25.77 3.72
N ALA A 125 5.16 26.89 3.76
CA ALA A 125 5.23 27.82 2.64
C ALA A 125 5.70 27.12 1.39
N ARG A 126 6.69 26.26 1.53
CA ARG A 126 7.25 25.52 0.42
C ARG A 126 6.18 24.65 -0.27
N ILE A 127 5.41 23.95 0.55
CA ILE A 127 4.31 23.10 0.10
C ILE A 127 3.20 23.96 -0.54
N VAL A 128 2.89 25.07 0.10
CA VAL A 128 1.82 25.97 -0.36
C VAL A 128 2.13 26.61 -1.71
N GLU A 129 3.41 26.89 -1.98
CA GLU A 129 3.84 27.41 -3.29
C GLU A 129 3.49 26.45 -4.41
N GLN A 130 3.40 25.16 -4.10
CA GLN A 130 3.09 24.14 -5.10
C GLN A 130 1.61 24.04 -5.41
N ALA A 132 -2.23 25.58 -6.28
CA ALA A 132 -3.00 26.64 -6.89
C ALA A 132 -3.64 27.51 -5.81
N PRO A 133 -3.63 28.85 -5.98
CA PRO A 133 -4.24 29.80 -5.06
C PRO A 133 -5.62 29.40 -4.51
N ALA A 134 -6.45 28.81 -5.36
CA ALA A 134 -7.79 28.37 -4.97
C ALA A 134 -7.77 27.17 -4.01
N GLU A 135 -6.75 26.32 -4.16
CA GLU A 135 -6.57 25.14 -3.30
C GLU A 135 -6.05 25.60 -1.94
N ARG A 136 -5.12 26.55 -1.95
CA ARG A 136 -4.62 27.12 -0.72
C ARG A 136 -5.77 27.63 0.15
N HIS A 137 -6.64 28.43 -0.45
CA HIS A 137 -7.76 29.03 0.25
C HIS A 137 -8.72 27.95 0.76
N GLY A 138 -8.99 26.96 -0.08
CA GLY A 138 -9.83 25.83 0.27
C GLY A 138 -9.29 25.04 1.45
N LEU A 139 -7.96 25.00 1.58
CA LEU A 139 -7.28 24.29 2.66
C LEU A 139 -7.44 25.00 4.00
N VAL A 140 -7.26 26.31 4.01
CA VAL A 140 -7.57 27.14 5.18
C VAL A 140 -9.02 26.90 5.61
N ARG A 141 -9.94 26.96 4.65
CA ARG A 141 -11.35 26.72 4.92
C ARG A 141 -11.58 25.35 5.56
N ALA A 142 -10.98 24.31 4.99
CA ALA A 142 -11.19 22.94 5.41
C ALA A 142 -10.72 22.68 6.84
N LEU A 143 -9.53 23.18 7.16
CA LEU A 143 -8.93 22.97 8.49
C LEU A 143 -9.56 23.86 9.55
N THR A 144 -10.09 25.01 9.13
CA THR A 144 -10.82 25.93 10.01
C THR A 144 -12.17 25.34 10.38
N ALA A 145 -12.82 24.72 9.40
CA ALA A 145 -14.12 24.09 9.60
C ALA A 145 -13.99 22.93 10.57
N PHE A 146 -12.92 22.17 10.42
CA PHE A 146 -12.64 21.04 11.28
C PHE A 146 -12.38 21.49 12.72
N THR A 147 -11.62 22.57 12.86
CA THR A 147 -11.34 23.19 14.16
C THR A 147 -12.60 23.74 14.82
N GLU A 148 -13.51 24.24 14.00
CA GLU A 148 -14.78 24.76 14.47
C GLU A 148 -15.69 23.64 14.98
N ALA A 149 -15.77 22.55 14.22
CA ALA A 149 -16.69 21.43 14.48
C ALA A 149 -16.51 20.82 15.88
N GLY A 150 -15.42 20.11 16.07
CA GLY A 150 -14.98 19.71 17.40
C GLY A 150 -13.81 20.63 17.66
N GLY A 151 -13.27 20.66 18.87
CA GLY A 151 -13.67 19.83 19.99
C GLY A 151 -15.11 19.94 20.48
N GLU A 152 -15.63 21.16 20.66
CA GLU A 152 -14.97 22.43 20.27
C GLU A 152 -14.71 23.33 21.49
N ALA B 10 1.30 43.76 -2.45
CA ALA B 10 2.48 42.90 -2.11
C ALA B 10 2.24 42.08 -0.84
N GLU B 11 2.14 40.74 -0.93
CA GLU B 11 2.26 39.91 -2.15
C GLU B 11 3.72 39.72 -2.63
N GLU B 12 4.24 38.49 -2.60
CA GLU B 12 3.50 37.29 -2.19
C GLU B 12 4.40 36.57 -1.19
N SER B 13 3.90 36.04 -0.06
CA SER B 13 2.51 36.06 0.47
C SER B 13 1.40 35.22 -0.22
N VAL B 14 1.52 33.89 -0.35
CA VAL B 14 2.39 32.84 0.29
C VAL B 14 1.75 32.08 1.50
N ASP B 15 1.87 32.47 2.79
CA ASP B 15 2.64 33.52 3.49
C ASP B 15 1.69 34.20 4.47
N VAL B 16 0.66 34.84 3.92
CA VAL B 16 -0.55 35.14 4.68
C VAL B 16 -1.32 33.82 4.79
N ILE B 17 -1.29 33.03 3.71
CA ILE B 17 -1.93 31.73 3.67
C ILE B 17 -1.24 30.81 4.66
N THR B 18 0.09 30.83 4.66
CA THR B 18 0.91 30.02 5.56
C THR B 18 0.61 30.35 7.01
N ASP B 19 0.50 31.63 7.33
CA ASP B 19 0.13 32.06 8.67
C ASP B 19 -1.24 31.57 9.07
N ALA B 20 -2.21 31.75 8.19
CA ALA B 20 -3.56 31.27 8.45
C ALA B 20 -3.53 29.77 8.72
N LEU B 21 -2.61 29.08 8.06
CA LEU B 21 -2.44 27.64 8.19
C LEU B 21 -1.79 27.19 9.48
N LEU B 22 -0.90 27.98 10.06
CA LEU B 22 -0.33 27.66 11.36
C LEU B 22 -1.42 27.63 12.42
N THR B 23 -2.29 28.64 12.39
CA THR B 23 -3.44 28.75 13.28
C THR B 23 -4.44 27.61 13.04
N ALA B 24 -4.85 27.44 11.78
CA ALA B 24 -5.90 26.50 11.39
C ALA B 24 -5.58 25.03 11.65
N SER B 25 -4.29 24.72 11.73
CA SER B 25 -3.86 23.36 11.86
C SER B 25 -3.57 22.93 13.32
N ARG B 26 -3.67 23.87 14.26
CA ARG B 26 -3.41 23.59 15.69
C ARG B 26 -4.13 22.35 16.21
N LEU B 27 -5.44 22.26 15.98
CA LEU B 27 -6.23 21.13 16.48
C LEU B 27 -5.81 19.80 15.88
N LEU B 28 -5.74 19.72 14.56
CA LEU B 28 -5.36 18.47 13.92
C LEU B 28 -4.04 17.99 14.48
N VAL B 29 -3.10 18.93 14.63
CA VAL B 29 -1.76 18.64 15.17
C VAL B 29 -1.81 18.11 16.62
N ALA B 30 -2.62 18.73 17.46
CA ALA B 30 -2.76 18.29 18.84
C ALA B 30 -3.38 16.91 18.90
N ILE B 31 -4.35 16.65 18.03
CA ILE B 31 -4.99 15.34 17.92
C ILE B 31 -3.99 14.29 17.48
N SER B 32 -3.18 14.64 16.48
CA SER B 32 -2.13 13.76 16.01
C SER B 32 -1.14 13.46 17.12
N ALA B 33 -0.68 14.50 17.80
CA ALA B 33 0.33 14.36 18.84
C ALA B 33 -0.20 13.51 19.97
N HIS B 34 -1.46 13.74 20.35
CA HIS B 34 -2.10 12.97 21.39
C HIS B 34 -2.22 11.50 21.02
N SER B 35 -2.51 11.21 19.76
CA SER B 35 -2.68 9.83 19.31
C SER B 35 -1.39 9.01 19.40
N ILE B 36 -0.28 9.66 19.12
CA ILE B 36 1.03 9.04 19.28
C ILE B 36 1.29 8.77 20.76
N ALA B 37 1.06 9.81 21.58
CA ALA B 37 1.35 9.75 23.00
C ALA B 37 0.50 8.72 23.72
N GLN B 38 -0.66 8.39 23.18
CA GLN B 38 -1.60 7.46 23.84
C GLN B 38 -1.20 5.99 23.66
N VAL B 39 -0.36 5.70 22.67
CA VAL B 39 0.08 4.34 22.41
C VAL B 39 1.41 4.06 23.09
N ASP B 40 2.39 4.93 22.87
CA ASP B 40 3.63 4.89 23.63
C ASP B 40 3.94 6.28 24.16
N GLU B 41 3.97 6.37 25.50
CA GLU B 41 4.21 7.61 26.22
C GLU B 41 5.56 8.24 25.86
N ASN B 42 6.52 7.39 25.51
CA ASN B 42 7.93 7.76 25.37
C ASN B 42 8.39 8.09 23.95
N ILE B 43 7.56 7.84 22.97
CA ILE B 43 7.97 8.05 21.59
C ILE B 43 7.79 9.51 21.16
N THR B 44 8.88 10.12 20.69
CA THR B 44 8.87 11.49 20.18
C THR B 44 8.22 11.53 18.80
N ILE B 45 7.84 12.73 18.38
CA ILE B 45 7.24 12.96 17.05
C ILE B 45 8.18 12.62 15.88
N PRO B 46 9.46 13.08 15.92
CA PRO B 46 10.42 12.61 14.90
C PRO B 46 10.55 11.08 14.86
N GLN B 47 10.62 10.45 16.03
CA GLN B 47 10.65 9.00 16.10
C GLN B 47 9.43 8.39 15.41
N PHE B 48 8.25 8.89 15.71
CA PHE B 48 7.05 8.33 15.09
C PHE B 48 7.02 8.50 13.57
N ARG B 49 7.46 9.66 13.08
CA ARG B 49 7.56 9.91 11.65
C ARG B 49 8.49 8.89 10.96
N THR B 50 9.64 8.62 11.57
CA THR B 50 10.56 7.56 11.13
C THR B 50 9.81 6.26 10.87
N LEU B 51 8.93 5.89 11.79
CA LEU B 51 8.18 4.63 11.65
C LEU B 51 7.23 4.67 10.46
N VAL B 52 6.57 5.80 10.24
CA VAL B 52 5.63 5.95 9.15
C VAL B 52 6.34 5.91 7.82
N ILE B 53 7.48 6.59 7.75
CA ILE B 53 8.31 6.56 6.54
C ILE B 53 8.70 5.11 6.23
N LEU B 54 9.01 4.34 7.27
CA LEU B 54 9.41 2.95 7.06
C LEU B 54 8.27 2.03 6.59
N SER B 55 7.04 2.29 7.04
CA SER B 55 5.90 1.50 6.54
C SER B 55 5.56 1.86 5.10
N ASN B 56 5.74 3.13 4.75
CA ASN B 56 5.57 3.61 3.37
C ASN B 56 6.70 3.31 2.40
N HIS B 57 7.95 3.34 2.85
CA HIS B 57 9.06 3.18 1.90
C HIS B 57 9.72 1.81 1.90
N GLY B 58 9.43 1.01 2.91
CA GLY B 58 10.04 -0.30 3.04
C GLY B 58 11.37 -0.11 3.72
N PRO B 59 12.25 -1.11 3.60
CA PRO B 59 13.61 -0.95 4.10
C PRO B 59 14.39 0.03 3.25
N ILE B 60 15.03 1.00 3.92
CA ILE B 60 15.88 2.01 3.31
C ILE B 60 17.07 2.31 4.21
N ASN B 61 18.13 2.86 3.63
CA ASN B 61 19.34 3.16 4.38
C ASN B 61 19.21 4.49 5.13
N LEU B 62 20.17 4.79 5.99
CA LEU B 62 20.14 6.00 6.79
C LEU B 62 20.13 7.31 5.99
N ALA B 63 20.88 7.37 4.89
CA ALA B 63 20.92 8.59 4.08
C ALA B 63 19.54 8.92 3.51
N THR B 64 18.83 7.89 3.06
CA THR B 64 17.50 8.05 2.49
C THR B 64 16.52 8.43 3.60
N LEU B 65 16.68 7.82 4.77
CA LEU B 65 15.80 8.09 5.90
C LEU B 65 15.91 9.55 6.31
N ALA B 66 17.14 10.01 6.50
CA ALA B 66 17.44 11.39 6.90
C ALA B 66 16.89 12.41 5.92
N THR B 67 16.93 12.09 4.63
CA THR B 67 16.47 13.01 3.59
C THR B 67 14.97 13.10 3.60
N LEU B 68 14.31 11.96 3.74
CA LEU B 68 12.85 11.90 3.81
C LEU B 68 12.33 12.50 5.10
N LEU B 69 13.06 12.31 6.19
CA LEU B 69 12.73 12.97 7.46
C LEU B 69 12.93 14.49 7.42
N GLY B 70 13.90 14.96 6.63
CA GLY B 70 14.32 16.36 6.64
C GLY B 70 15.08 16.68 7.92
N VAL B 71 15.80 15.68 8.42
CA VAL B 71 16.58 15.79 9.65
C VAL B 71 18.05 15.51 9.34
N GLN B 72 18.95 16.11 10.12
CA GLN B 72 20.39 15.87 10.03
C GLN B 72 20.73 14.39 10.26
N PRO B 73 21.64 13.82 9.44
CA PRO B 73 21.99 12.39 9.53
C PRO B 73 22.49 11.88 10.90
N SER B 74 23.31 12.65 11.59
CA SER B 74 23.84 12.24 12.89
C SER B 74 22.70 11.95 13.86
N ALA B 75 21.76 12.89 13.91
CA ALA B 75 20.57 12.78 14.74
C ALA B 75 19.67 11.64 14.29
N THR B 76 19.47 11.50 12.98
CA THR B 76 18.73 10.37 12.44
C THR B 76 19.33 9.04 12.92
N GLY B 77 20.64 8.91 12.76
CA GLY B 77 21.35 7.71 13.19
C GLY B 77 21.09 7.40 14.63
N ARG B 78 21.16 8.42 15.49
CA ARG B 78 20.88 8.28 16.92
C ARG B 78 19.46 7.83 17.25
N VAL B 80 17.40 6.18 15.22
CA VAL B 80 17.24 4.81 14.74
C VAL B 80 17.83 3.84 15.77
N ASP B 81 19.01 4.16 16.30
CA ASP B 81 19.59 3.37 17.38
C ASP B 81 18.62 3.15 18.55
N ARG B 82 17.95 4.22 18.96
CA ARG B 82 16.99 4.20 20.05
C ARG B 82 15.80 3.31 19.72
N LEU B 83 15.29 3.47 18.51
CA LEU B 83 14.14 2.70 18.07
C LEU B 83 14.49 1.23 17.87
N VAL B 84 15.76 0.98 17.54
CA VAL B 84 16.29 -0.38 17.52
C VAL B 84 16.31 -0.95 18.94
N GLY B 85 16.78 -0.15 19.89
CA GLY B 85 16.79 -0.50 21.29
C GLY B 85 15.41 -0.79 21.84
N ALA B 86 14.38 -0.14 21.30
CA ALA B 86 13.01 -0.32 21.75
C ALA B 86 12.24 -1.35 20.91
N GLU B 87 12.96 -2.16 20.13
CA GLU B 87 12.40 -3.24 19.30
C GLU B 87 11.37 -2.80 18.27
N LEU B 88 11.44 -1.55 17.82
CA LEU B 88 10.52 -1.06 16.81
C LEU B 88 11.14 -1.09 15.40
N ILE B 89 12.46 -1.22 15.35
CA ILE B 89 13.23 -1.25 14.09
C ILE B 89 14.32 -2.33 14.11
N ASP B 90 14.43 -3.07 13.01
CA ASP B 90 15.52 -3.99 12.76
C ASP B 90 16.50 -3.39 11.76
N ARG B 91 17.79 -3.68 11.93
CA ARG B 91 18.78 -3.36 10.90
C ARG B 91 19.00 -4.57 9.98
N LEU B 92 18.90 -4.36 8.67
CA LEU B 92 19.00 -5.45 7.71
C LEU B 92 20.17 -5.28 6.74
N PRO B 93 20.74 -6.40 6.24
CA PRO B 93 21.83 -6.32 5.27
C PRO B 93 21.37 -5.68 3.97
N HIS B 94 22.24 -4.90 3.33
CA HIS B 94 21.91 -4.29 2.06
C HIS B 94 21.87 -5.38 0.97
N PRO B 95 20.81 -5.41 0.14
CA PRO B 95 20.59 -6.44 -0.87
C PRO B 95 21.76 -6.66 -1.85
N THR B 96 22.31 -5.56 -2.38
CA THR B 96 23.40 -5.63 -3.36
C THR B 96 24.78 -5.67 -2.65
N SER B 97 25.65 -4.72 -2.97
CA SER B 97 26.95 -4.58 -2.29
C SER B 97 26.70 -3.99 -0.90
N ARG B 98 27.56 -3.06 -0.47
CA ARG B 98 27.37 -2.26 0.76
C ARG B 98 27.13 -3.16 1.97
N ARG B 99 27.84 -3.02 3.09
CA ARG B 99 28.51 -1.83 3.63
C ARG B 99 27.57 -1.05 4.53
N GLU B 100 26.65 -0.27 3.96
CA GLU B 100 25.62 0.33 4.81
C GLU B 100 24.48 -0.67 5.11
N LEU B 101 24.01 -0.64 6.35
CA LEU B 101 22.86 -1.43 6.75
C LEU B 101 21.55 -0.68 6.46
N LEU B 102 20.50 -1.46 6.18
CA LEU B 102 19.17 -0.91 5.96
C LEU B 102 18.36 -0.88 7.24
N ALA B 103 17.41 0.03 7.34
CA ALA B 103 16.49 0.10 8.47
C ALA B 103 15.08 -0.35 8.04
N ALA B 104 14.44 -1.16 8.87
CA ALA B 104 13.10 -1.64 8.56
C ALA B 104 12.26 -1.85 9.81
N LEU B 105 10.95 -1.84 9.62
CA LEU B 105 10.03 -2.03 10.74
C LEU B 105 10.00 -3.45 11.26
N THR B 106 9.80 -3.53 12.55
CA THR B 106 9.55 -4.73 13.29
C THR B 106 8.03 -4.90 13.40
N LYS B 107 7.57 -6.11 13.72
CA LYS B 107 6.12 -6.37 13.88
C LYS B 107 5.49 -5.36 14.85
N ARG B 108 6.12 -5.20 16.00
CA ARG B 108 5.72 -4.27 17.04
C ARG B 108 5.74 -2.85 16.51
N GLY B 109 6.76 -2.52 15.71
CA GLY B 109 6.80 -1.25 14.99
C GLY B 109 5.55 -1.02 14.16
N ARG B 110 5.14 -2.02 13.39
CA ARG B 110 3.97 -1.91 12.50
C ARG B 110 2.68 -1.76 13.30
N ASP B 111 2.61 -2.47 14.44
CA ASP B 111 1.47 -2.34 15.35
C ASP B 111 1.35 -0.94 15.92
N VAL B 112 2.47 -0.37 16.34
CA VAL B 112 2.51 1.01 16.82
C VAL B 112 1.93 1.97 15.79
N VAL B 113 2.44 1.92 14.55
CA VAL B 113 1.96 2.75 13.46
C VAL B 113 0.47 2.53 13.21
N ARG B 114 0.05 1.26 13.19
CA ARG B 114 -1.35 0.91 12.94
C ARG B 114 -2.27 1.39 14.06
N GLN B 115 -1.83 1.21 15.30
CA GLN B 115 -2.60 1.63 16.48
C GLN B 115 -2.81 3.13 16.61
N VAL B 116 -1.72 3.89 16.47
CA VAL B 116 -1.75 5.33 16.46
C VAL B 116 -2.66 5.84 15.34
N THR B 117 -2.55 5.23 14.16
CA THR B 117 -3.37 5.64 13.02
C THR B 117 -4.85 5.38 13.24
N GLU B 118 -5.20 4.20 13.73
CA GLU B 118 -6.61 3.84 13.92
C GLU B 118 -7.26 4.71 14.99
N HIS B 119 -6.51 5.03 16.05
CA HIS B 119 -7.01 5.87 17.13
C HIS B 119 -7.23 7.33 16.72
N ARG B 120 -6.34 7.84 15.88
CA ARG B 120 -6.46 9.19 15.37
C ARG B 120 -7.65 9.26 14.40
N ARG B 121 -7.83 8.24 13.59
CA ARG B 121 -8.97 8.21 12.68
C ARG B 121 -10.29 8.25 13.45
N THR B 122 -10.36 7.54 14.57
CA THR B 122 -11.57 7.51 15.40
C THR B 122 -11.89 8.91 15.96
N GLU B 123 -10.86 9.65 16.36
CA GLU B 123 -11.04 11.03 16.83
C GLU B 123 -11.43 11.97 15.71
N ILE B 124 -10.87 11.76 14.52
CA ILE B 124 -11.15 12.64 13.40
C ILE B 124 -12.61 12.52 12.96
N ALA B 125 -13.09 11.30 12.78
CA ALA B 125 -14.47 11.04 12.35
C ALA B 125 -15.52 11.52 13.36
N ARG B 126 -15.22 11.37 14.65
CA ARG B 126 -16.08 11.91 15.70
C ARG B 126 -16.28 13.42 15.52
N ILE B 127 -15.21 14.11 15.17
CA ILE B 127 -15.27 15.54 14.92
C ILE B 127 -15.94 15.85 13.56
N VAL B 128 -15.72 15.00 12.57
CA VAL B 128 -16.35 15.14 11.25
C VAL B 128 -17.88 14.94 11.30
N GLU B 129 -18.35 14.09 12.21
CA GLU B 129 -19.79 13.88 12.40
C GLU B 129 -20.47 15.16 12.85
N GLN B 130 -19.70 16.06 13.45
CA GLN B 130 -20.19 17.32 13.99
C GLN B 130 -20.23 18.49 12.99
N ALA B 132 -21.95 20.20 10.00
CA ALA B 132 -23.28 20.15 9.40
C ALA B 132 -23.22 19.53 8.00
N PRO B 133 -24.20 18.67 7.65
CA PRO B 133 -24.18 18.11 6.31
C PRO B 133 -24.12 19.17 5.21
N ALA B 134 -24.74 20.32 5.46
CA ALA B 134 -24.80 21.42 4.50
C ALA B 134 -23.42 21.95 4.09
N GLU B 135 -22.44 21.85 4.99
CA GLU B 135 -21.10 22.38 4.74
C GLU B 135 -20.08 21.34 4.29
N ARG B 136 -20.55 20.12 4.04
CA ARG B 136 -19.68 19.02 3.60
C ARG B 136 -19.52 19.03 2.08
N HIS B 137 -18.94 20.12 1.57
CA HIS B 137 -18.67 20.30 0.15
C HIS B 137 -17.29 20.93 -0.02
N GLY B 138 -16.55 20.48 -1.03
CA GLY B 138 -15.27 21.07 -1.37
C GLY B 138 -14.13 20.81 -0.41
N LEU B 139 -14.32 19.88 0.53
CA LEU B 139 -13.30 19.59 1.54
C LEU B 139 -12.20 18.67 1.03
N VAL B 140 -12.59 17.53 0.44
CA VAL B 140 -11.62 16.53 -0.03
C VAL B 140 -10.66 17.12 -1.06
N ARG B 141 -11.20 17.76 -2.08
CA ARG B 141 -10.41 18.41 -3.12
C ARG B 141 -9.24 19.20 -2.54
N ALA B 142 -9.53 20.10 -1.61
CA ALA B 142 -8.50 20.96 -0.98
C ALA B 142 -7.47 20.18 -0.15
N LEU B 143 -7.94 19.24 0.67
CA LEU B 143 -7.05 18.42 1.48
C LEU B 143 -6.13 17.54 0.64
N THR B 144 -6.68 16.97 -0.42
CA THR B 144 -5.95 16.12 -1.37
C THR B 144 -4.86 16.90 -2.11
N ALA B 145 -5.15 18.15 -2.46
CA ALA B 145 -4.20 19.03 -3.11
C ALA B 145 -3.04 19.34 -2.15
N PHE B 146 -3.35 19.47 -0.86
CA PHE B 146 -2.35 19.68 0.18
C PHE B 146 -1.39 18.49 0.29
N THR B 147 -1.94 17.28 0.33
CA THR B 147 -1.13 16.08 0.53
C THR B 147 -0.33 15.68 -0.72
N GLU B 148 -0.93 15.88 -1.89
CA GLU B 148 -0.20 15.70 -3.15
C GLU B 148 0.98 16.66 -3.28
N ALA B 149 0.74 17.95 -3.04
CA ALA B 149 1.83 18.94 -2.98
C ALA B 149 2.89 18.57 -1.96
N GLY B 150 2.48 18.02 -0.82
CA GLY B 150 3.42 17.61 0.23
C GLY B 150 4.06 16.25 0.02
N GLY B 151 3.58 15.53 -0.98
CA GLY B 151 4.08 14.20 -1.30
C GLY B 151 3.71 13.10 -0.31
N GLU B 152 2.69 13.33 0.51
CA GLU B 152 2.31 12.35 1.53
C GLU B 152 1.44 11.25 0.95
N PRO B 153 1.85 9.97 1.10
CA PRO B 153 1.03 8.88 0.57
C PRO B 153 -0.27 8.75 1.35
N ASP B 154 -1.31 8.26 0.69
CA ASP B 154 -2.61 8.05 1.30
C ASP B 154 -2.50 7.14 2.53
N ALA B 155 -3.26 7.46 3.57
CA ALA B 155 -3.05 6.90 4.93
C ALA B 155 -3.11 5.38 5.20
N ARG B 156 -4.08 4.60 4.70
CA ARG B 156 -5.17 4.98 3.81
C ARG B 156 -6.38 5.43 4.61
N PRO C 7 -2.29 -37.06 -38.76
CA PRO C 7 -3.43 -36.37 -38.15
C PRO C 7 -3.19 -36.03 -36.66
N ALA C 8 -3.74 -34.93 -36.16
CA ALA C 8 -4.45 -33.93 -36.97
C ALA C 8 -3.50 -32.75 -37.25
N THR C 9 -3.51 -32.18 -38.46
CA THR C 9 -4.42 -32.54 -39.54
C THR C 9 -3.79 -33.31 -40.74
N ALA C 10 -2.56 -33.03 -41.19
CA ALA C 10 -1.65 -31.95 -40.75
C ALA C 10 -0.58 -31.80 -41.86
N GLU C 11 0.49 -31.02 -41.67
CA GLU C 11 0.86 -30.31 -40.43
C GLU C 11 -0.07 -29.17 -40.13
N GLU C 12 -0.07 -28.77 -38.86
CA GLU C 12 -0.80 -27.60 -38.40
C GLU C 12 0.12 -26.38 -38.51
N SER C 13 -0.43 -25.26 -38.96
CA SER C 13 0.36 -24.04 -39.13
C SER C 13 0.73 -23.42 -37.78
N VAL C 14 1.72 -22.54 -37.82
CA VAL C 14 2.18 -21.82 -36.64
C VAL C 14 1.03 -21.01 -36.06
N ASP C 15 0.24 -20.41 -36.94
CA ASP C 15 -0.82 -19.48 -36.56
C ASP C 15 -2.03 -20.15 -35.92
N VAL C 16 -2.40 -21.30 -36.47
CA VAL C 16 -3.52 -22.08 -35.98
C VAL C 16 -3.20 -22.72 -34.62
N ILE C 17 -1.95 -23.16 -34.43
CA ILE C 17 -1.49 -23.67 -33.11
C ILE C 17 -1.42 -22.53 -32.09
N THR C 18 -0.94 -21.37 -32.53
CA THR C 18 -0.82 -20.18 -31.66
C THR C 18 -2.18 -19.68 -31.20
N ASP C 19 -3.12 -19.54 -32.13
CA ASP C 19 -4.48 -19.10 -31.84
C ASP C 19 -5.16 -19.99 -30.80
N ALA C 20 -5.02 -21.31 -30.96
CA ALA C 20 -5.57 -22.27 -30.01
C ALA C 20 -4.91 -22.16 -28.63
N LEU C 21 -3.60 -21.95 -28.62
CA LEU C 21 -2.86 -21.71 -27.36
C LEU C 21 -3.24 -20.40 -26.67
N LEU C 22 -3.52 -19.37 -27.46
CA LEU C 22 -3.96 -18.07 -26.95
C LEU C 22 -5.26 -18.21 -26.14
N THR C 23 -6.25 -18.86 -26.74
CA THR C 23 -7.51 -19.13 -26.08
C THR C 23 -7.34 -20.01 -24.84
N ALA C 24 -6.49 -21.02 -24.93
CA ALA C 24 -6.16 -21.88 -23.79
C ALA C 24 -5.51 -21.09 -22.64
N SER C 25 -4.67 -20.12 -22.98
CA SER C 25 -4.00 -19.29 -21.96
C SER C 25 -5.02 -18.44 -21.19
N ARG C 26 -6.05 -17.98 -21.91
CA ARG C 26 -7.15 -17.24 -21.32
C ARG C 26 -7.97 -18.08 -20.35
N LEU C 27 -8.20 -19.35 -20.70
CA LEU C 27 -8.93 -20.25 -19.79
C LEU C 27 -8.09 -20.54 -18.56
N LEU C 28 -6.79 -20.70 -18.75
CA LEU C 28 -5.85 -20.90 -17.65
C LEU C 28 -5.80 -19.69 -16.72
N VAL C 29 -5.84 -18.49 -17.30
CA VAL C 29 -5.90 -17.27 -16.49
C VAL C 29 -7.24 -17.17 -15.76
N ALA C 30 -8.32 -17.55 -16.42
CA ALA C 30 -9.62 -17.68 -15.77
C ALA C 30 -9.50 -18.57 -14.53
N ILE C 31 -8.86 -19.72 -14.72
CA ILE C 31 -8.67 -20.71 -13.66
C ILE C 31 -7.90 -20.09 -12.48
N SER C 32 -6.81 -19.41 -12.80
CA SER C 32 -5.97 -18.76 -11.78
C SER C 32 -6.66 -17.60 -11.09
N ALA C 33 -7.44 -16.82 -11.83
CA ALA C 33 -8.14 -15.67 -11.28
C ALA C 33 -9.13 -16.11 -10.21
N HIS C 34 -9.89 -17.14 -10.55
CA HIS C 34 -10.82 -17.78 -9.63
C HIS C 34 -10.11 -18.28 -8.38
N SER C 35 -9.00 -18.99 -8.55
CA SER C 35 -8.26 -19.57 -7.43
C SER C 35 -7.60 -18.50 -6.56
N ILE C 36 -6.81 -17.63 -7.17
CA ILE C 36 -6.15 -16.53 -6.46
C ILE C 36 -7.11 -15.61 -5.69
N ALA C 37 -8.17 -15.13 -6.34
CA ALA C 37 -9.14 -14.22 -5.72
C ALA C 37 -9.92 -14.78 -4.52
N GLN C 38 -10.17 -16.09 -4.52
CA GLN C 38 -10.80 -16.78 -3.39
C GLN C 38 -9.93 -16.75 -2.13
N VAL C 39 -8.61 -16.69 -2.34
CA VAL C 39 -7.63 -16.76 -1.24
C VAL C 39 -7.14 -15.38 -0.78
N ASP C 40 -6.68 -14.54 -1.70
CA ASP C 40 -6.21 -13.16 -1.41
C ASP C 40 -6.57 -12.24 -2.58
N GLU C 41 -7.53 -11.35 -2.36
CA GLU C 41 -8.08 -10.53 -3.42
C GLU C 41 -7.20 -9.36 -3.83
N ASN C 42 -6.17 -9.08 -3.02
CA ASN C 42 -5.27 -7.96 -3.27
C ASN C 42 -3.89 -8.35 -3.80
N ILE C 43 -3.48 -9.61 -3.60
CA ILE C 43 -2.13 -10.04 -3.95
C ILE C 43 -1.82 -9.82 -5.44
N THR C 44 -0.71 -9.15 -5.72
CA THR C 44 -0.33 -8.82 -7.08
C THR C 44 0.35 -10.00 -7.78
N ILE C 45 0.71 -9.81 -9.05
CA ILE C 45 1.38 -10.83 -9.82
C ILE C 45 2.79 -11.08 -9.25
N PRO C 46 3.62 -10.03 -9.11
CA PRO C 46 4.97 -10.25 -8.59
C PRO C 46 4.97 -10.76 -7.16
N GLN C 47 3.96 -10.39 -6.38
CA GLN C 47 3.84 -10.87 -5.03
C GLN C 47 3.59 -12.37 -4.99
N PHE C 48 2.61 -12.84 -5.76
CA PHE C 48 2.27 -14.25 -5.76
C PHE C 48 3.39 -15.10 -6.33
N ARG C 49 4.13 -14.54 -7.29
CA ARG C 49 5.25 -15.25 -7.89
C ARG C 49 6.36 -15.42 -6.88
N THR C 50 6.62 -14.38 -6.10
CA THR C 50 7.56 -14.47 -4.98
C THR C 50 7.18 -15.64 -4.06
N LEU C 51 5.91 -15.71 -3.68
CA LEU C 51 5.40 -16.76 -2.79
C LEU C 51 5.64 -18.16 -3.33
N VAL C 52 5.41 -18.34 -4.64
CA VAL C 52 5.59 -19.60 -5.32
C VAL C 52 7.06 -19.98 -5.43
N ILE C 53 7.90 -18.99 -5.72
CA ILE C 53 9.34 -19.24 -5.82
C ILE C 53 9.85 -19.78 -4.49
N LEU C 54 9.49 -19.12 -3.40
CA LEU C 54 9.88 -19.56 -2.06
C LEU C 54 9.37 -20.98 -1.79
N SER C 55 8.12 -21.23 -2.13
CA SER C 55 7.56 -22.57 -1.97
C SER C 55 8.38 -23.63 -2.70
N ASN C 56 8.85 -23.29 -3.90
CA ASN C 56 9.61 -24.19 -4.76
C ASN C 56 11.09 -24.34 -4.42
N HIS C 57 11.65 -23.35 -3.72
CA HIS C 57 13.09 -23.33 -3.42
C HIS C 57 13.46 -23.38 -1.95
N GLY C 58 12.51 -23.09 -1.06
CA GLY C 58 12.81 -23.01 0.37
C GLY C 58 13.50 -21.69 0.70
N PRO C 59 14.04 -21.55 1.93
CA PRO C 59 14.66 -20.27 2.28
C PRO C 59 15.80 -19.93 1.33
N ILE C 60 15.74 -18.72 0.76
CA ILE C 60 16.76 -18.21 -0.17
C ILE C 60 16.95 -16.71 0.10
N ASN C 61 18.16 -16.20 -0.15
CA ASN C 61 18.42 -14.78 0.04
C ASN C 61 17.86 -13.92 -1.08
N LEU C 62 17.75 -12.61 -0.82
CA LEU C 62 17.19 -11.63 -1.75
C LEU C 62 17.84 -11.62 -3.13
N ALA C 63 19.18 -11.67 -3.16
CA ALA C 63 19.93 -11.73 -4.42
C ALA C 63 19.44 -12.87 -5.30
N THR C 64 19.32 -14.05 -4.69
CA THR C 64 18.79 -15.26 -5.36
C THR C 64 17.34 -15.07 -5.80
N LEU C 65 16.49 -14.63 -4.87
CA LEU C 65 15.08 -14.41 -5.16
C LEU C 65 14.93 -13.45 -6.34
N ALA C 66 15.62 -12.32 -6.27
CA ALA C 66 15.63 -11.33 -7.33
C ALA C 66 15.88 -11.99 -8.69
N THR C 67 16.95 -12.78 -8.79
CA THR C 67 17.31 -13.41 -10.06
C THR C 67 16.19 -14.32 -10.58
N LEU C 68 15.67 -15.19 -9.72
CA LEU C 68 14.59 -16.11 -10.09
C LEU C 68 13.31 -15.37 -10.51
N LEU C 69 13.22 -14.10 -10.12
CA LEU C 69 12.03 -13.28 -10.30
C LEU C 69 12.25 -12.30 -11.44
N GLY C 70 13.50 -11.85 -11.58
CA GLY C 70 13.92 -10.92 -12.63
C GLY C 70 13.45 -9.50 -12.39
N VAL C 71 13.61 -8.98 -11.17
CA VAL C 71 12.98 -7.70 -10.80
C VAL C 71 13.75 -6.36 -10.89
N GLN C 72 14.82 -6.10 -10.11
CA GLN C 72 15.51 -6.91 -9.10
C GLN C 72 16.72 -6.04 -8.76
N PRO C 73 17.31 -6.14 -7.55
CA PRO C 73 16.96 -6.63 -6.22
C PRO C 73 16.60 -5.50 -5.25
N SER C 74 16.67 -4.26 -5.71
CA SER C 74 16.22 -3.11 -4.93
C SER C 74 14.71 -3.23 -4.73
N ALA C 75 13.99 -3.34 -5.83
CA ALA C 75 12.53 -3.38 -5.84
C ALA C 75 11.98 -4.64 -5.15
N THR C 76 12.78 -5.71 -5.13
CA THR C 76 12.41 -6.94 -4.44
C THR C 76 12.35 -6.75 -2.94
N GLY C 77 13.28 -5.98 -2.40
CA GLY C 77 13.32 -5.70 -0.96
C GLY C 77 12.10 -4.99 -0.43
N ARG C 78 11.64 -3.98 -1.16
CA ARG C 78 10.41 -3.25 -0.85
C ARG C 78 9.19 -4.17 -0.85
N VAL C 80 9.18 -7.58 -0.62
CA VAL C 80 9.33 -8.57 0.42
C VAL C 80 8.88 -7.98 1.76
N ASP C 81 9.20 -6.70 1.98
CA ASP C 81 8.80 -5.99 3.21
C ASP C 81 7.29 -5.89 3.38
N ARG C 82 6.57 -5.65 2.30
CA ARG C 82 5.11 -5.65 2.29
C ARG C 82 4.55 -6.99 2.76
N LEU C 83 5.09 -8.06 2.19
CA LEU C 83 4.66 -9.42 2.48
C LEU C 83 5.04 -9.87 3.88
N VAL C 84 6.13 -9.34 4.40
CA VAL C 84 6.47 -9.49 5.80
C VAL C 84 5.38 -8.86 6.66
N GLY C 85 5.00 -7.63 6.31
CA GLY C 85 3.93 -6.90 6.98
C GLY C 85 2.61 -7.62 6.93
N ALA C 86 2.32 -8.23 5.78
CA ALA C 86 1.15 -9.09 5.62
C ALA C 86 1.24 -10.40 6.41
N GLU C 87 2.41 -10.68 6.99
CA GLU C 87 2.69 -11.93 7.72
C GLU C 87 2.72 -13.16 6.81
N LEU C 88 3.20 -12.98 5.59
CA LEU C 88 3.28 -14.08 4.63
C LEU C 88 4.71 -14.57 4.49
N ILE C 89 5.66 -13.67 4.75
CA ILE C 89 7.07 -13.97 4.65
C ILE C 89 7.76 -13.61 5.95
N ASP C 90 8.69 -14.47 6.35
CA ASP C 90 9.61 -14.22 7.44
C ASP C 90 11.03 -14.07 6.89
N ARG C 91 11.82 -13.24 7.55
CA ARG C 91 13.25 -13.16 7.27
C ARG C 91 14.03 -13.96 8.31
N LEU C 92 14.98 -14.79 7.85
CA LEU C 92 15.74 -15.68 8.75
C LEU C 92 17.23 -15.44 8.63
N PRO C 93 17.97 -15.59 9.75
CA PRO C 93 19.42 -15.51 9.63
C PRO C 93 19.99 -16.65 8.79
N HIS C 94 21.11 -16.40 8.14
CA HIS C 94 21.86 -17.43 7.43
C HIS C 94 22.59 -18.35 8.44
N PRO C 95 22.59 -19.67 8.18
CA PRO C 95 23.20 -20.74 8.96
C PRO C 95 24.33 -20.52 10.03
N THR C 96 25.64 -20.29 9.80
CA THR C 96 26.50 -19.85 8.65
C THR C 96 26.88 -18.34 8.65
N SER C 97 26.46 -17.60 7.62
CA SER C 97 26.86 -16.20 7.48
C SER C 97 26.17 -15.31 8.51
N ARG C 98 26.91 -14.32 8.99
CA ARG C 98 26.47 -13.45 10.08
C ARG C 98 25.86 -12.13 9.57
N ARG C 99 25.99 -11.88 8.27
CA ARG C 99 25.58 -10.62 7.67
C ARG C 99 24.80 -10.81 6.37
N GLU C 100 23.89 -11.78 6.39
CA GLU C 100 23.06 -12.10 5.25
C GLU C 100 21.75 -12.62 5.79
N LEU C 101 20.67 -12.47 5.02
CA LEU C 101 19.34 -12.92 5.45
C LEU C 101 18.61 -13.75 4.38
N LEU C 102 17.79 -14.68 4.83
CA LEU C 102 17.01 -15.54 3.95
C LEU C 102 15.53 -15.24 4.08
N ALA C 103 14.80 -15.28 2.97
CA ALA C 103 13.35 -15.13 2.99
C ALA C 103 12.69 -16.50 3.01
N ALA C 104 11.61 -16.62 3.77
CA ALA C 104 10.92 -17.88 3.97
C ALA C 104 9.43 -17.67 4.16
N LEU C 105 8.62 -18.56 3.62
CA LEU C 105 7.17 -18.54 3.86
C LEU C 105 6.83 -18.77 5.32
N THR C 106 5.88 -18.02 5.85
CA THR C 106 5.27 -18.36 7.14
C THR C 106 4.23 -19.47 6.93
N LYS C 107 3.56 -19.88 8.00
CA LYS C 107 2.44 -20.80 7.89
C LYS C 107 1.38 -20.22 6.98
N ARG C 108 1.18 -18.90 7.07
CA ARG C 108 0.19 -18.22 6.25
C ARG C 108 0.57 -18.21 4.78
N GLY C 109 1.81 -17.86 4.50
CA GLY C 109 2.34 -17.91 3.14
C GLY C 109 2.19 -19.28 2.55
N ARG C 110 2.55 -20.32 3.31
CA ARG C 110 2.39 -21.68 2.85
C ARG C 110 0.93 -22.02 2.56
N ASP C 111 0.04 -21.68 3.48
CA ASP C 111 -1.38 -21.94 3.30
C ASP C 111 -1.94 -21.27 2.06
N VAL C 112 -1.58 -20.00 1.85
CA VAL C 112 -1.90 -19.29 0.63
C VAL C 112 -1.54 -20.10 -0.63
N VAL C 113 -0.27 -20.48 -0.78
CA VAL C 113 0.17 -21.16 -2.00
C VAL C 113 -0.62 -22.45 -2.19
N ARG C 114 -0.68 -23.27 -1.14
CA ARG C 114 -1.43 -24.53 -1.15
C ARG C 114 -2.93 -24.39 -1.45
N GLN C 115 -3.56 -23.34 -0.92
CA GLN C 115 -4.99 -23.12 -1.10
C GLN C 115 -5.33 -22.72 -2.52
N VAL C 116 -4.43 -21.96 -3.16
CA VAL C 116 -4.58 -21.56 -4.57
C VAL C 116 -4.42 -22.77 -5.47
N THR C 117 -3.52 -23.67 -5.09
CA THR C 117 -3.28 -24.92 -5.81
C THR C 117 -4.50 -25.84 -5.80
N GLU C 118 -5.02 -26.14 -4.61
CA GLU C 118 -6.41 -26.58 -4.46
C GLU C 118 -7.21 -25.39 -5.00
N HIS C 119 -8.36 -25.61 -5.60
CA HIS C 119 -9.05 -24.53 -6.32
C HIS C 119 -8.67 -24.70 -7.77
N ARG C 120 -7.40 -24.45 -8.09
CA ARG C 120 -6.88 -24.70 -9.43
C ARG C 120 -7.09 -26.17 -9.77
N ARG C 121 -6.62 -27.05 -8.90
CA ARG C 121 -6.84 -28.49 -9.05
C ARG C 121 -8.32 -28.81 -9.26
N THR C 122 -9.18 -28.29 -8.39
CA THR C 122 -10.63 -28.55 -8.46
C THR C 122 -11.26 -28.02 -9.75
N GLU C 123 -10.89 -26.81 -10.14
CA GLU C 123 -11.41 -26.19 -11.35
C GLU C 123 -10.96 -26.95 -12.59
N ILE C 124 -9.69 -27.35 -12.60
CA ILE C 124 -9.16 -28.12 -13.72
C ILE C 124 -9.90 -29.44 -13.86
N ALA C 125 -10.06 -30.16 -12.75
CA ALA C 125 -10.79 -31.41 -12.73
C ALA C 125 -12.24 -31.25 -13.21
N ARG C 126 -12.90 -30.17 -12.81
CA ARG C 126 -14.26 -29.89 -13.25
C ARG C 126 -14.30 -29.83 -14.77
N ILE C 127 -13.43 -29.00 -15.35
CA ILE C 127 -13.27 -28.92 -16.82
C ILE C 127 -12.85 -30.26 -17.45
N VAL C 128 -11.92 -30.96 -16.83
CA VAL C 128 -11.34 -32.17 -17.40
C VAL C 128 -12.34 -33.33 -17.49
N GLU C 129 -13.23 -33.43 -16.50
CA GLU C 129 -14.30 -34.43 -16.49
C GLU C 129 -15.19 -34.35 -17.70
N GLN C 130 -15.27 -33.17 -18.29
CA GLN C 130 -16.16 -32.92 -19.40
C GLN C 130 -15.51 -33.25 -20.73
N ALA C 132 -13.54 -35.87 -23.36
CA ALA C 132 -13.32 -37.26 -23.73
C ALA C 132 -11.92 -37.69 -23.28
N PRO C 133 -11.77 -38.93 -22.79
CA PRO C 133 -10.48 -39.43 -22.28
C PRO C 133 -9.29 -39.15 -23.19
N ALA C 134 -9.46 -39.38 -24.49
CA ALA C 134 -8.40 -39.15 -25.49
C ALA C 134 -7.98 -37.68 -25.60
N GLU C 135 -8.96 -36.77 -25.48
CA GLU C 135 -8.72 -35.33 -25.56
C GLU C 135 -7.93 -34.84 -24.35
N ARG C 136 -8.24 -35.36 -23.16
CA ARG C 136 -7.50 -35.04 -21.94
C ARG C 136 -6.02 -35.35 -22.12
N HIS C 137 -5.75 -36.46 -22.80
CA HIS C 137 -4.42 -36.93 -22.99
C HIS C 137 -3.69 -36.05 -24.01
N GLY C 138 -4.40 -35.73 -25.09
CA GLY C 138 -3.91 -34.80 -26.10
C GLY C 138 -3.54 -33.46 -25.51
N LEU C 139 -4.33 -32.98 -24.55
CA LEU C 139 -4.09 -31.69 -23.93
C LEU C 139 -2.77 -31.69 -23.14
N VAL C 140 -2.60 -32.68 -22.26
CA VAL C 140 -1.34 -32.85 -21.53
C VAL C 140 -0.20 -32.88 -22.54
N ARG C 141 -0.38 -33.61 -23.63
CA ARG C 141 0.65 -33.73 -24.63
C ARG C 141 1.00 -32.36 -25.23
N ALA C 142 -0.03 -31.62 -25.63
CA ALA C 142 0.15 -30.30 -26.28
C ALA C 142 0.86 -29.28 -25.39
N LEU C 143 0.50 -29.27 -24.11
CA LEU C 143 1.02 -28.26 -23.18
C LEU C 143 2.45 -28.56 -22.74
N THR C 144 2.77 -29.86 -22.62
CA THR C 144 4.14 -30.27 -22.32
C THR C 144 5.03 -30.01 -23.53
N ALA C 145 4.51 -30.30 -24.72
CA ALA C 145 5.22 -30.06 -25.98
C ALA C 145 5.58 -28.58 -26.18
N PHE C 146 4.66 -27.69 -25.78
CA PHE C 146 4.87 -26.25 -25.84
C PHE C 146 5.90 -25.81 -24.79
N THR C 147 5.79 -26.39 -23.60
CA THR C 147 6.74 -26.14 -22.52
C THR C 147 8.18 -26.49 -22.92
N GLU C 148 8.35 -27.63 -23.59
CA GLU C 148 9.66 -28.08 -24.06
C GLU C 148 10.24 -27.08 -25.05
N ALA C 149 9.41 -26.60 -25.98
CA ALA C 149 9.82 -25.63 -26.99
C ALA C 149 10.26 -24.28 -26.41
N GLY C 150 9.71 -23.90 -25.25
CA GLY C 150 10.06 -22.64 -24.61
C GLY C 150 11.28 -22.69 -23.73
N GLY C 151 12.20 -23.61 -24.05
CA GLY C 151 13.42 -23.85 -23.26
C GLY C 151 14.32 -22.63 -23.13
N GLU C 152 14.70 -22.26 -21.89
CA GLU C 152 14.42 -22.99 -20.64
C GLU C 152 15.27 -24.26 -20.50
N ALA D 10 -8.54 -46.46 -10.46
CA ALA D 10 -9.73 -45.95 -9.70
C ALA D 10 -9.63 -44.43 -9.45
N GLU D 11 -10.33 -43.63 -10.26
CA GLU D 11 -11.20 -44.17 -11.33
C GLU D 11 -11.16 -43.59 -12.77
N GLU D 12 -10.82 -42.31 -13.06
CA GLU D 12 -10.26 -41.20 -12.23
C GLU D 12 -8.85 -41.39 -11.61
N SER D 13 -7.76 -41.23 -12.38
CA SER D 13 -7.70 -40.89 -13.81
C SER D 13 -7.86 -39.40 -14.15
N VAL D 14 -8.97 -38.79 -13.76
CA VAL D 14 -9.14 -37.35 -13.90
C VAL D 14 -8.17 -36.65 -12.93
N ASP D 15 -7.91 -37.30 -11.78
CA ASP D 15 -6.87 -36.87 -10.85
C ASP D 15 -5.47 -36.91 -11.47
N VAL D 16 -5.18 -38.00 -12.18
CA VAL D 16 -3.89 -38.19 -12.83
C VAL D 16 -3.67 -37.14 -13.93
N ILE D 17 -4.70 -36.91 -14.75
CA ILE D 17 -4.64 -35.91 -15.81
C ILE D 17 -4.45 -34.53 -15.19
N THR D 18 -5.26 -34.19 -14.18
CA THR D 18 -5.22 -32.89 -13.53
C THR D 18 -3.83 -32.58 -12.96
N ASP D 19 -3.24 -33.57 -12.28
CA ASP D 19 -1.88 -33.45 -11.77
C ASP D 19 -0.89 -33.09 -12.88
N ALA D 20 -0.98 -33.79 -14.01
CA ALA D 20 -0.10 -33.52 -15.14
C ALA D 20 -0.25 -32.10 -15.70
N LEU D 21 -1.48 -31.59 -15.71
CA LEU D 21 -1.77 -30.26 -16.26
C LEU D 21 -1.27 -29.11 -15.39
N LEU D 22 -1.25 -29.31 -14.08
CA LEU D 22 -0.74 -28.29 -13.19
C LEU D 22 0.73 -27.99 -13.55
N THR D 23 1.50 -29.05 -13.70
CA THR D 23 2.88 -28.97 -14.16
C THR D 23 3.01 -28.46 -15.62
N ALA D 24 2.25 -29.07 -16.53
CA ALA D 24 2.35 -28.82 -17.96
C ALA D 24 1.92 -27.41 -18.39
N SER D 25 1.03 -26.80 -17.63
CA SER D 25 0.54 -25.46 -17.94
C SER D 25 1.34 -24.34 -17.26
N ARG D 26 2.36 -24.69 -16.47
CA ARG D 26 3.14 -23.67 -15.78
C ARG D 26 3.77 -22.60 -16.70
N LEU D 27 4.33 -23.02 -17.85
CA LEU D 27 4.91 -22.04 -18.79
C LEU D 27 3.87 -21.11 -19.38
N LEU D 28 2.78 -21.67 -19.89
CA LEU D 28 1.76 -20.84 -20.50
C LEU D 28 1.20 -19.83 -19.51
N VAL D 29 1.01 -20.27 -18.27
CA VAL D 29 0.55 -19.38 -17.18
C VAL D 29 1.56 -18.25 -16.91
N ALA D 30 2.85 -18.56 -16.92
CA ALA D 30 3.92 -17.58 -16.71
C ALA D 30 4.01 -16.55 -17.83
N ILE D 31 3.82 -16.99 -19.08
CA ILE D 31 3.80 -16.07 -20.22
C ILE D 31 2.57 -15.17 -20.14
N SER D 32 1.44 -15.79 -19.84
CA SER D 32 0.20 -15.05 -19.62
C SER D 32 0.31 -14.00 -18.50
N ALA D 33 0.90 -14.39 -17.39
CA ALA D 33 1.08 -13.49 -16.25
C ALA D 33 2.02 -12.34 -16.58
N HIS D 34 3.08 -12.64 -17.34
CA HIS D 34 4.07 -11.65 -17.72
C HIS D 34 3.50 -10.64 -18.70
N SER D 35 2.64 -11.11 -19.61
CA SER D 35 2.02 -10.25 -20.59
C SER D 35 1.11 -9.20 -19.93
N ILE D 36 0.47 -9.55 -18.81
CA ILE D 36 -0.37 -8.63 -18.08
C ILE D 36 0.47 -7.57 -17.39
N ALA D 37 1.46 -8.02 -16.61
CA ALA D 37 2.29 -7.12 -15.82
C ALA D 37 3.08 -6.15 -16.67
N GLN D 38 3.41 -6.53 -17.90
CA GLN D 38 4.24 -5.67 -18.76
C GLN D 38 3.49 -4.47 -19.32
N VAL D 39 2.16 -4.51 -19.21
CA VAL D 39 1.31 -3.44 -19.70
C VAL D 39 0.89 -2.54 -18.54
N ASP D 40 0.50 -3.15 -17.42
CA ASP D 40 0.28 -2.41 -16.19
C ASP D 40 0.71 -3.25 -14.99
N GLU D 41 1.79 -2.83 -14.32
CA GLU D 41 2.33 -3.59 -13.18
C GLU D 41 1.35 -3.67 -12.01
N ASN D 42 0.30 -2.84 -12.05
CA ASN D 42 -0.66 -2.71 -10.97
C ASN D 42 -1.91 -3.56 -11.11
N ILE D 43 -2.11 -4.15 -12.28
CA ILE D 43 -3.30 -4.96 -12.49
C ILE D 43 -3.07 -6.44 -12.12
N THR D 44 -3.90 -6.94 -11.20
CA THR D 44 -3.80 -8.31 -10.74
C THR D 44 -4.45 -9.24 -11.77
N ILE D 45 -4.29 -10.54 -11.59
CA ILE D 45 -4.88 -11.52 -12.51
C ILE D 45 -6.42 -11.51 -12.44
N PRO D 46 -7.01 -11.52 -11.22
CA PRO D 46 -8.47 -11.43 -11.16
C PRO D 46 -8.99 -10.14 -11.83
N GLN D 47 -8.33 -9.03 -11.55
CA GLN D 47 -8.64 -7.79 -12.23
C GLN D 47 -8.53 -7.96 -13.75
N PHE D 48 -7.42 -8.46 -14.25
CA PHE D 48 -7.32 -8.63 -15.69
C PHE D 48 -8.46 -9.51 -16.26
N ARG D 49 -8.74 -10.63 -15.61
CA ARG D 49 -9.84 -11.51 -16.05
C ARG D 49 -11.20 -10.81 -16.11
N THR D 50 -11.50 -9.96 -15.13
CA THR D 50 -12.70 -9.08 -15.18
C THR D 50 -12.81 -8.29 -16.47
N LEU D 51 -11.70 -7.66 -16.88
CA LEU D 51 -11.63 -6.90 -18.13
C LEU D 51 -12.01 -7.78 -19.32
N VAL D 52 -11.37 -8.95 -19.40
CA VAL D 52 -11.62 -9.91 -20.47
C VAL D 52 -13.08 -10.37 -20.46
N ILE D 53 -13.59 -10.69 -19.28
CA ILE D 53 -15.00 -11.06 -19.15
C ILE D 53 -15.90 -9.95 -19.75
N LEU D 54 -15.64 -8.69 -19.38
CA LEU D 54 -16.44 -7.56 -19.89
C LEU D 54 -16.28 -7.35 -21.41
N SER D 55 -15.11 -7.69 -21.91
CA SER D 55 -14.83 -7.69 -23.33
C SER D 55 -15.74 -8.67 -24.07
N ASN D 56 -15.82 -9.90 -23.58
CA ASN D 56 -16.65 -10.93 -24.21
C ASN D 56 -18.13 -10.79 -23.93
N HIS D 57 -18.50 -10.30 -22.76
CA HIS D 57 -19.92 -10.32 -22.38
C HIS D 57 -20.69 -9.01 -22.50
N GLY D 58 -19.98 -7.90 -22.65
CA GLY D 58 -20.63 -6.60 -22.77
C GLY D 58 -20.97 -6.13 -21.36
N PRO D 59 -21.81 -5.08 -21.23
CA PRO D 59 -22.12 -4.62 -19.89
C PRO D 59 -22.96 -5.64 -19.16
N ILE D 60 -22.52 -6.03 -17.98
CA ILE D 60 -23.25 -6.95 -17.10
C ILE D 60 -23.23 -6.41 -15.67
N ASN D 61 -24.16 -6.89 -14.83
CA ASN D 61 -24.21 -6.47 -13.44
C ASN D 61 -23.19 -7.21 -12.58
N LEU D 62 -23.03 -6.76 -11.33
CA LEU D 62 -22.07 -7.33 -10.40
C LEU D 62 -22.35 -8.80 -10.10
N ALA D 63 -23.61 -9.17 -9.93
CA ALA D 63 -23.96 -10.56 -9.64
C ALA D 63 -23.45 -11.52 -10.71
N THR D 64 -23.68 -11.14 -11.96
CA THR D 64 -23.32 -11.95 -13.11
C THR D 64 -21.81 -11.99 -13.31
N LEU D 65 -21.18 -10.83 -13.12
CA LEU D 65 -19.72 -10.74 -13.17
C LEU D 65 -19.10 -11.66 -12.16
N ALA D 66 -19.56 -11.59 -10.92
CA ALA D 66 -19.04 -12.41 -9.84
C ALA D 66 -19.13 -13.90 -10.19
N THR D 67 -20.24 -14.30 -10.79
CA THR D 67 -20.47 -15.69 -11.15
C THR D 67 -19.53 -16.14 -12.25
N LEU D 68 -19.46 -15.37 -13.33
CA LEU D 68 -18.54 -15.66 -14.45
C LEU D 68 -17.10 -15.70 -13.97
N LEU D 69 -16.77 -14.83 -13.01
CA LEU D 69 -15.42 -14.77 -12.46
C LEU D 69 -15.12 -15.97 -11.54
N GLY D 70 -16.13 -16.43 -10.79
CA GLY D 70 -15.96 -17.53 -9.84
C GLY D 70 -15.43 -17.03 -8.51
N VAL D 71 -15.76 -15.78 -8.21
CA VAL D 71 -15.30 -15.07 -7.01
C VAL D 71 -16.52 -14.60 -6.23
N GLN D 72 -16.38 -14.48 -4.91
CA GLN D 72 -17.42 -13.90 -4.07
C GLN D 72 -17.81 -12.49 -4.56
N PRO D 73 -19.11 -12.14 -4.51
CA PRO D 73 -19.57 -10.82 -4.97
C PRO D 73 -18.92 -9.63 -4.26
N SER D 74 -18.71 -9.74 -2.95
CA SER D 74 -18.08 -8.66 -2.18
C SER D 74 -16.73 -8.26 -2.75
N ALA D 75 -15.89 -9.26 -3.01
CA ALA D 75 -14.54 -9.02 -3.53
C ALA D 75 -14.58 -8.58 -4.99
N THR D 76 -15.55 -9.08 -5.74
CA THR D 76 -15.79 -8.63 -7.10
C THR D 76 -16.13 -7.13 -7.10
N GLY D 77 -17.03 -6.74 -6.19
CA GLY D 77 -17.39 -5.35 -6.01
C GLY D 77 -16.21 -4.43 -5.77
N ARG D 78 -15.28 -4.85 -4.92
CA ARG D 78 -14.11 -4.05 -4.55
C ARG D 78 -13.13 -3.93 -5.70
N VAL D 80 -13.98 -3.99 -8.84
CA VAL D 80 -14.62 -3.11 -9.81
C VAL D 80 -14.43 -1.64 -9.41
N ASP D 81 -14.53 -1.35 -8.12
CA ASP D 81 -14.21 -0.02 -7.61
C ASP D 81 -12.79 0.43 -7.99
N ARG D 82 -11.82 -0.45 -7.77
CA ARG D 82 -10.43 -0.18 -8.12
C ARG D 82 -10.28 0.07 -9.62
N LEU D 83 -10.94 -0.75 -10.42
CA LEU D 83 -10.89 -0.62 -11.87
C LEU D 83 -11.64 0.62 -12.39
N VAL D 84 -12.71 1.01 -11.70
CA VAL D 84 -13.40 2.29 -11.96
C VAL D 84 -12.48 3.48 -11.66
N GLY D 85 -11.86 3.46 -10.48
CA GLY D 85 -10.84 4.45 -10.13
C GLY D 85 -9.67 4.50 -11.09
N ALA D 86 -9.27 3.34 -11.60
CA ALA D 86 -8.20 3.22 -12.60
C ALA D 86 -8.67 3.56 -14.01
N GLU D 87 -9.94 3.91 -14.13
CA GLU D 87 -10.57 4.33 -15.40
C GLU D 87 -10.51 3.27 -16.51
N LEU D 88 -10.57 2.00 -16.11
CA LEU D 88 -10.65 0.90 -17.07
C LEU D 88 -12.10 0.41 -17.18
N ILE D 89 -12.91 0.74 -16.19
CA ILE D 89 -14.33 0.39 -16.16
C ILE D 89 -15.25 1.60 -15.89
N ASP D 90 -16.34 1.69 -16.66
CA ASP D 90 -17.44 2.60 -16.39
C ASP D 90 -18.63 1.85 -15.78
N ARG D 91 -19.37 2.52 -14.90
CA ARG D 91 -20.65 2.01 -14.43
C ARG D 91 -21.83 2.68 -15.16
N LEU D 92 -22.71 1.87 -15.71
CA LEU D 92 -23.78 2.36 -16.57
C LEU D 92 -25.17 1.88 -16.14
N PRO D 93 -26.22 2.74 -16.29
CA PRO D 93 -27.65 2.48 -16.03
C PRO D 93 -28.19 1.01 -16.10
N HIS D 94 -28.74 0.43 -17.18
CA HIS D 94 -29.12 0.94 -18.51
C HIS D 94 -29.67 -0.33 -19.18
N PRO D 95 -30.85 -0.29 -19.84
CA PRO D 95 -31.95 0.65 -20.14
C PRO D 95 -33.05 1.10 -19.12
N THR D 96 -33.55 0.33 -18.14
CA THR D 96 -33.14 -1.00 -17.59
C THR D 96 -31.93 -0.96 -16.58
N SER D 97 -32.24 -0.60 -15.33
CA SER D 97 -33.63 -0.33 -14.93
C SER D 97 -33.95 0.90 -14.04
N ARG D 98 -33.49 1.01 -12.78
CA ARG D 98 -32.45 0.22 -12.07
C ARG D 98 -31.00 0.55 -12.55
N ARG D 99 -29.98 0.61 -11.67
CA ARG D 99 -29.93 0.22 -10.22
C ARG D 99 -30.38 -1.21 -9.81
N GLU D 100 -29.67 -2.27 -10.23
CA GLU D 100 -28.36 -2.27 -10.96
C GLU D 100 -27.22 -1.52 -10.20
N LEU D 101 -26.22 -0.90 -10.83
CA LEU D 101 -26.04 -0.66 -12.26
C LEU D 101 -25.14 -1.71 -12.93
N LEU D 102 -24.73 -1.43 -14.16
CA LEU D 102 -23.92 -2.36 -14.97
C LEU D 102 -22.44 -1.95 -15.08
N ALA D 103 -21.55 -2.93 -15.06
CA ALA D 103 -20.14 -2.68 -15.32
C ALA D 103 -19.80 -2.90 -16.79
N ALA D 104 -19.03 -1.98 -17.37
CA ALA D 104 -18.61 -2.07 -18.77
C ALA D 104 -17.22 -1.48 -18.93
N LEU D 105 -16.54 -1.88 -20.01
CA LEU D 105 -15.20 -1.39 -20.34
C LEU D 105 -15.19 0.06 -20.87
N THR D 106 -14.16 0.80 -20.49
CA THR D 106 -13.83 2.08 -21.11
C THR D 106 -12.89 1.85 -22.28
N LYS D 107 -12.61 2.89 -23.07
CA LYS D 107 -11.67 2.79 -24.18
C LYS D 107 -10.30 2.33 -23.70
N ARG D 108 -9.85 2.88 -22.57
CA ARG D 108 -8.58 2.50 -21.97
C ARG D 108 -8.63 1.05 -21.54
N GLY D 109 -9.76 0.64 -20.97
CA GLY D 109 -9.97 -0.75 -20.60
C GLY D 109 -9.80 -1.71 -21.77
N ARG D 110 -10.32 -1.31 -22.93
CA ARG D 110 -10.27 -2.17 -24.12
C ARG D 110 -8.86 -2.24 -24.67
N ASP D 111 -8.11 -1.15 -24.54
CA ASP D 111 -6.74 -1.09 -24.99
C ASP D 111 -5.82 -1.97 -24.16
N VAL D 112 -6.01 -1.96 -22.84
CA VAL D 112 -5.33 -2.90 -21.97
C VAL D 112 -5.52 -4.34 -22.45
N VAL D 113 -6.78 -4.76 -22.58
CA VAL D 113 -7.12 -6.09 -23.08
C VAL D 113 -6.44 -6.40 -24.42
N ARG D 114 -6.63 -5.55 -25.42
CA ARG D 114 -6.00 -5.74 -26.74
C ARG D 114 -4.48 -5.84 -26.65
N GLN D 115 -3.86 -4.89 -25.96
CA GLN D 115 -2.41 -4.82 -25.82
C GLN D 115 -1.78 -6.04 -25.14
N VAL D 116 -2.36 -6.48 -24.01
CA VAL D 116 -1.91 -7.66 -23.31
C VAL D 116 -2.02 -8.90 -24.21
N THR D 117 -3.13 -9.00 -24.94
CA THR D 117 -3.39 -10.15 -25.82
C THR D 117 -2.43 -10.16 -27.01
N GLU D 118 -2.27 -9.00 -27.64
CA GLU D 118 -1.39 -8.83 -28.80
C GLU D 118 0.05 -9.22 -28.45
N HIS D 119 0.47 -8.87 -27.24
CA HIS D 119 1.82 -9.11 -26.77
C HIS D 119 2.05 -10.56 -26.38
N ARG D 120 1.03 -11.17 -25.76
CA ARG D 120 1.07 -12.57 -25.43
C ARG D 120 1.15 -13.42 -26.68
N ARG D 121 0.42 -13.02 -27.72
CA ARG D 121 0.40 -13.80 -28.95
C ARG D 121 1.74 -13.82 -29.65
N THR D 122 2.47 -12.71 -29.62
CA THR D 122 3.78 -12.66 -30.25
C THR D 122 4.73 -13.64 -29.57
N GLU D 123 4.64 -13.72 -28.24
CA GLU D 123 5.52 -14.58 -27.45
C GLU D 123 5.16 -16.05 -27.59
N ILE D 124 3.86 -16.35 -27.68
CA ILE D 124 3.42 -17.71 -27.95
C ILE D 124 3.87 -18.14 -29.34
N ALA D 125 3.64 -17.30 -30.34
CA ALA D 125 4.02 -17.61 -31.72
C ALA D 125 5.52 -17.79 -31.87
N ARG D 126 6.27 -17.06 -31.07
CA ARG D 126 7.73 -17.21 -31.05
C ARG D 126 8.09 -18.63 -30.59
N ILE D 127 7.44 -19.10 -29.53
CA ILE D 127 7.74 -20.41 -29.00
C ILE D 127 7.22 -21.53 -29.92
N VAL D 128 6.06 -21.32 -30.54
CA VAL D 128 5.47 -22.30 -31.42
C VAL D 128 6.35 -22.55 -32.65
N GLU D 129 7.03 -21.51 -33.11
CA GLU D 129 7.95 -21.57 -34.24
C GLU D 129 9.17 -22.44 -33.91
N GLN D 130 9.47 -22.55 -32.62
CA GLN D 130 10.55 -23.39 -32.10
C GLN D 130 10.18 -24.87 -32.03
N ALA D 132 9.37 -28.33 -33.70
CA ALA D 132 9.68 -29.00 -34.97
C ALA D 132 8.42 -29.32 -35.76
N PRO D 133 8.37 -28.92 -37.05
CA PRO D 133 7.28 -29.27 -37.95
C PRO D 133 6.83 -30.73 -37.85
N ALA D 134 7.77 -31.61 -37.54
CA ALA D 134 7.50 -33.04 -37.40
C ALA D 134 6.53 -33.37 -36.27
N GLU D 135 6.40 -32.48 -35.30
CA GLU D 135 5.53 -32.70 -34.14
C GLU D 135 4.31 -31.78 -34.12
N ARG D 136 4.11 -31.05 -35.21
CA ARG D 136 2.97 -30.13 -35.31
C ARG D 136 1.71 -30.87 -35.78
N HIS D 137 1.33 -31.89 -35.01
CA HIS D 137 0.19 -32.73 -35.32
C HIS D 137 -0.65 -32.95 -34.07
N GLY D 138 -1.96 -32.87 -34.24
CA GLY D 138 -2.92 -33.20 -33.20
C GLY D 138 -3.06 -32.15 -32.12
N LEU D 139 -2.49 -30.97 -32.33
CA LEU D 139 -2.40 -29.99 -31.25
C LEU D 139 -3.70 -29.21 -31.08
N VAL D 140 -4.19 -28.62 -32.17
CA VAL D 140 -5.39 -27.79 -32.16
C VAL D 140 -6.62 -28.52 -31.61
N ARG D 141 -6.87 -29.72 -32.11
CA ARG D 141 -8.01 -30.53 -31.65
C ARG D 141 -8.08 -30.60 -30.12
N ALA D 142 -6.96 -30.95 -29.49
CA ALA D 142 -6.91 -31.09 -28.04
C ALA D 142 -7.11 -29.76 -27.30
N LEU D 143 -6.49 -28.70 -27.80
CA LEU D 143 -6.58 -27.40 -27.17
C LEU D 143 -7.98 -26.82 -27.28
N THR D 144 -8.59 -27.03 -28.45
CA THR D 144 -9.97 -26.66 -28.72
C THR D 144 -10.96 -27.41 -27.81
N ALA D 145 -10.68 -28.68 -27.52
CA ALA D 145 -11.55 -29.47 -26.66
C ALA D 145 -11.50 -28.99 -25.20
N PHE D 146 -10.31 -28.58 -24.78
CA PHE D 146 -10.10 -28.00 -23.45
C PHE D 146 -10.89 -26.70 -23.32
N THR D 147 -10.85 -25.93 -24.40
CA THR D 147 -11.32 -24.57 -24.40
C THR D 147 -12.84 -24.54 -24.53
N GLU D 148 -13.37 -25.49 -25.29
CA GLU D 148 -14.81 -25.66 -25.43
C GLU D 148 -15.40 -26.20 -24.13
N ALA D 149 -14.70 -27.18 -23.54
CA ALA D 149 -15.07 -27.71 -22.22
C ALA D 149 -15.08 -26.61 -21.17
N GLY D 150 -14.12 -25.69 -21.24
CA GLY D 150 -14.08 -24.57 -20.32
C GLY D 150 -15.09 -23.47 -20.59
N GLY D 151 -15.70 -23.51 -21.78
CA GLY D 151 -16.65 -22.49 -22.22
C GLY D 151 -15.97 -21.16 -22.50
N GLU D 152 -14.70 -21.21 -22.89
CA GLU D 152 -13.94 -19.99 -23.15
C GLU D 152 -14.04 -19.61 -24.63
N PRO D 153 -14.50 -18.37 -24.91
CA PRO D 153 -14.62 -17.94 -26.29
C PRO D 153 -13.28 -17.70 -26.98
N ASP D 154 -13.27 -17.78 -28.30
CA ASP D 154 -12.11 -17.44 -29.11
C ASP D 154 -11.58 -16.05 -28.83
N ALA D 155 -10.27 -15.89 -28.99
CA ALA D 155 -9.61 -14.62 -28.73
C ALA D 155 -8.73 -14.11 -29.87
N ARG D 156 -9.25 -13.80 -31.06
CA ARG D 156 -10.68 -13.75 -31.38
C ARG D 156 -10.99 -14.58 -32.62
#